data_8OLZ
#
_entry.id   8OLZ
#
_cell.length_a   87.672
_cell.length_b   93.968
_cell.length_c   223.433
_cell.angle_alpha   90.00
_cell.angle_beta   90.00
_cell.angle_gamma   90.00
#
_symmetry.space_group_name_H-M   'P 21 21 21'
#
loop_
_entity.id
_entity.type
_entity.pdbx_description
1 polymer 'DOMAINS 1-5'
2 polymer "5'-exon"
3 non-polymer 'MAGNESIUM ION'
4 non-polymer 'POTASSIUM ION'
5 non-polymer SPERMINE
6 non-polymer '4-(2-HYDROXYETHYL)-1-PIPERAZINE ETHANESULFONIC ACID'
7 non-polymer ~{N}-(2-pyrrolidin-1-ylethyl)-2-[3,4,5-tris(oxidanyl)phenyl]carbonyl-1-benzofuran-5-carboxamide
8 water water
#
loop_
_entity_poly.entity_id
_entity_poly.type
_entity_poly.pdbx_seq_one_letter_code
_entity_poly.pdbx_strand_id
1 'polyribonucleotide'
;GUGUGCCCGGCAUGGGUGCAGUCUAUAGGGUGAGAGUCCCGAACUGUGAAGGCAGAAGUAACAGUUAGCCUAACGCAAGG
GUGUCCGUGGCGACAUGGAAUCUGAAGGAAGCGGACGGCAAACCUUCGGUCUGAGGAACACGAACUUCAUAUGAGGCUAG
GUAUCAAUGGAUGAGUUUGCAUAACAAAACAAAGUCCUUUCUGCCAAAGUUGGUACAGAGUAAAUGAAGCAGAUUGAUGA
AGGGAAAGACUGCAUUCUUACCCGGGGAGGUCUGGAAACAGAAGUCAGCAGAAGUCAUAGUACCCUGUUCGCAGGGGAAG
GACGGAACAAGUAUGGCGUUCGCGCCUAAGCUUGAACCGCCGUAUACCGAACGGUACGUACGGUGGUGUGG
;
A
2 'polyribonucleotide' AUUUAU B
#
loop_
_chem_comp.id
_chem_comp.type
_chem_comp.name
_chem_comp.formula
A RNA linking ADENOSINE-5'-MONOPHOSPHATE 'C10 H14 N5 O7 P'
C RNA linking CYTIDINE-5'-MONOPHOSPHATE 'C9 H14 N3 O8 P'
EPE non-polymer '4-(2-HYDROXYETHYL)-1-PIPERAZINE ETHANESULFONIC ACID' 'C8 H18 N2 O4 S'
G RNA linking GUANOSINE-5'-MONOPHOSPHATE 'C10 H14 N5 O8 P'
K non-polymer 'POTASSIUM ION' 'K 1'
MG non-polymer 'MAGNESIUM ION' 'Mg 2'
SPM non-polymer SPERMINE 'C10 H26 N4'
U RNA linking URIDINE-5'-MONOPHOSPHATE 'C9 H13 N2 O9 P'
VTE non-polymer ~{N}-(2-pyrrolidin-1-ylethyl)-2-[3,4,5-tris(oxidanyl)phenyl]carbonyl-1-benzofuran-5-carboxamide 'C22 H22 N2 O6'
#
# COMPACT_ATOMS: atom_id res chain seq x y z
MG MG C . -4.99 12.34 3.49
MG MG D . 1.31 -34.14 -4.47
MG MG E . -6.04 15.42 5.17
MG MG F . -26.20 4.28 14.10
MG MG G . 0.55 18.61 -4.57
MG MG H . -10.62 5.02 5.65
MG MG I . -16.61 36.77 -4.61
MG MG J . 13.79 -36.36 3.51
MG MG K . 2.22 2.83 -10.61
MG MG L . -11.42 -0.80 1.52
MG MG M . -15.93 7.09 -1.79
MG MG N . -3.02 -20.52 2.27
MG MG O . 4.60 -10.03 11.17
MG MG P . 10.03 2.94 -8.78
MG MG Q . -16.22 6.63 16.30
MG MG R . 6.62 -28.92 -14.77
MG MG S . 9.25 23.20 -19.71
MG MG T . -9.43 12.72 -14.27
MG MG U . 4.94 -25.38 25.37
MG MG V . -3.94 -8.02 9.24
MG MG W . 4.38 -25.06 -11.29
MG MG X . -9.25 -0.64 32.80
MG MG Y . 1.89 21.95 -12.29
MG MG Z . -18.21 16.11 -2.74
MG MG AA . 3.04 28.95 -24.76
MG MG BA . -33.62 11.38 12.90
MG MG CA . -6.86 -22.93 -0.94
MG MG DA . 1.48 8.75 23.95
MG MG EA . -10.07 22.52 -9.81
MG MG FA . -14.44 29.08 1.73
K K GA . -9.13 -8.48 -24.97
K K HA . -4.27 35.02 -21.96
K K IA . 2.53 44.69 -21.65
K K JA . 0.33 -39.03 -12.01
K K KA . -0.87 10.21 -4.60
K K LA . -1.66 14.82 -23.12
K K MA . 6.01 46.18 -21.08
K K NA . 20.85 27.14 -18.82
K K OA . -0.67 14.31 -2.99
K K PA . -17.42 -48.48 -12.93
K K QA . -9.48 15.90 3.61
K K RA . -29.54 34.00 10.30
K K SA . 23.33 33.31 -22.15
K K TA . -4.75 -27.46 17.45
K K UA . -10.19 9.03 -22.64
K K VA . 16.41 11.28 -15.68
K K WA . -14.56 27.91 -17.42
K K XA . -38.04 43.56 21.02
N1 SPM YA . 16.72 -28.28 19.63
C2 SPM YA . 16.74 -28.22 18.17
C3 SPM YA . 16.84 -29.59 17.57
C4 SPM YA . 16.70 -29.62 16.06
N5 SPM YA . 17.98 -29.88 15.42
C6 SPM YA . 18.63 -28.68 14.91
C7 SPM YA . 17.60 -27.72 14.35
C8 SPM YA . 17.95 -27.25 12.96
C9 SPM YA . 16.83 -27.51 11.96
N10 SPM YA . 17.37 -27.87 10.65
C11 SPM YA . 16.39 -27.81 9.57
C12 SPM YA . 15.73 -29.16 9.35
C13 SPM YA . 16.56 -30.16 8.58
N14 SPM YA . 17.85 -29.62 8.13
N1 EPE ZA . -11.52 -35.75 -0.07
C2 EPE ZA . -10.47 -35.60 -1.09
C3 EPE ZA . -9.73 -36.91 -1.29
N4 EPE ZA . -10.67 -37.97 -1.71
C5 EPE ZA . -11.73 -38.10 -0.71
C6 EPE ZA . -12.45 -36.78 -0.54
C9 EPE ZA . -12.20 -34.48 0.23
C10 EPE ZA . -11.30 -33.24 0.14
S EPE ZA . -12.08 -31.66 0.34
O1S EPE ZA . -13.15 -31.57 -0.60
O2S EPE ZA . -11.04 -30.69 0.18
O3S EPE ZA . -12.62 -31.63 1.81
S EPE AB . 18.22 21.73 -17.91
O1S EPE AB . 17.02 21.15 -18.47
O2S EPE AB . 18.92 21.02 -16.87
O3S EPE AB . 18.06 23.25 -17.60
S EPE BB . 18.79 5.42 -9.80
O1S EPE BB . 20.13 5.45 -9.28
O2S EPE BB . 18.52 4.85 -11.09
O3S EPE BB . 18.07 6.79 -9.60
C13 VTE CB . 0.84 21.19 4.54
C17 VTE CB . -0.94 17.10 1.93
C20 VTE CB . -2.19 14.95 2.13
C21 VTE CB . -3.22 14.24 2.73
C28 VTE CB . -0.16 17.74 4.26
O01 VTE CB . 2.53 20.88 8.56
C02 VTE CB . 1.55 20.41 8.27
C11 VTE CB . 1.15 20.26 6.77
C12 VTE CB . 1.22 21.36 5.86
C14 VTE CB . 0.36 19.87 4.06
O15 VTE CB . -0.06 19.41 2.83
C16 VTE CB . -0.37 18.12 2.94
O18 VTE CB . -0.63 16.84 0.79
C19 VTE CB . -2.04 16.30 2.53
O22 VTE CB . -3.46 12.90 2.41
C23 VTE CB . -4.03 14.91 3.66
O24 VTE CB . -5.03 14.12 4.30
C25 VTE CB . -3.85 16.18 4.07
O26 VTE CB . -4.71 16.80 5.08
C27 VTE CB . -2.80 16.93 3.45
C29 VTE CB . 0.31 18.85 4.95
C30 VTE CB . 0.70 19.01 6.32
#